data_2PCW
#
_entry.id   2PCW
#
loop_
_entity.id
_entity.type
_entity.pdbx_description
1 polymer 'U65 box H/ACA snoRNA'
2 polymer 'rRNA substrate of U65 box H/ACA snoRNA'
#
loop_
_entity_poly.entity_id
_entity_poly.type
_entity_poly.pdbx_seq_one_letter_code
_entity_poly.pdbx_strand_id
1 'polyribonucleotide' GGACCCGCCACUGCAGAGAUGCAAUCCAGUGGUCC A
2 'polyribonucleotide' ACUGGCUUGUGGCG B
#
loop_
_chem_comp.id
_chem_comp.type
_chem_comp.name
_chem_comp.formula
A RNA linking ADENOSINE-5'-MONOPHOSPHATE 'C10 H14 N5 O7 P'
C RNA linking CYTIDINE-5'-MONOPHOSPHATE 'C9 H14 N3 O8 P'
G RNA linking GUANOSINE-5'-MONOPHOSPHATE 'C10 H14 N5 O8 P'
U RNA linking URIDINE-5'-MONOPHOSPHATE 'C9 H13 N2 O9 P'
#